data_1NYC
#
_entry.id   1NYC
#
_cell.length_a   34.196
_cell.length_b   77.049
_cell.length_c   101.271
_cell.angle_alpha   90.00
_cell.angle_beta   90.00
_cell.angle_gamma   90.00
#
_symmetry.space_group_name_H-M   'P 21 21 21'
#
loop_
_entity.id
_entity.type
_entity.pdbx_description
1 polymer 'cysteine protease inhibitor'
2 non-polymer 'CHLORIDE ION'
3 non-polymer 'SULFATE ION'
4 water water
#
_entity_poly.entity_id   1
_entity_poly.type   'polypeptide(L)'
_entity_poly.pdbx_seq_one_letter_code
;GSMYQLQFINLVYDTTKLTHLEQTNINLFIGNWSNHQLQKSICIRHGDDTSHNQYHILFIDTAHQRIKFSSFDNEEIIYI
LDYDDTQHILMQTSSKQGIGTSRPIVYERLV
;
_entity_poly.pdbx_strand_id   A,B
#
loop_
_chem_comp.id
_chem_comp.type
_chem_comp.name
_chem_comp.formula
CL non-polymer 'CHLORIDE ION' 'Cl -1'
SO4 non-polymer 'SULFATE ION' 'O4 S -2'
#
# COMPACT_ATOMS: atom_id res chain seq x y z
N GLY A 1 5.68 6.54 -14.30
CA GLY A 1 4.70 7.56 -13.82
C GLY A 1 5.14 8.21 -12.51
N SER A 2 4.34 9.17 -12.05
CA SER A 2 4.66 9.87 -10.82
C SER A 2 4.61 8.95 -9.59
N MET A 3 5.37 9.33 -8.56
CA MET A 3 5.20 8.74 -7.24
C MET A 3 4.06 9.43 -6.53
N TYR A 4 3.33 8.70 -5.68
CA TYR A 4 2.25 9.30 -4.92
C TYR A 4 2.75 9.66 -3.54
N GLN A 5 1.97 10.40 -2.78
CA GLN A 5 2.21 10.59 -1.39
C GLN A 5 1.41 9.50 -0.64
N LEU A 6 2.01 8.92 0.38
CA LEU A 6 1.37 7.85 1.17
C LEU A 6 1.22 8.30 2.57
N GLN A 7 -0.04 8.33 3.04
CA GLN A 7 -0.38 8.68 4.37
C GLN A 7 -0.77 7.41 5.12
N PHE A 8 -0.24 7.25 6.30
CA PHE A 8 -0.58 6.14 7.18
C PHE A 8 -1.65 6.55 8.13
N ILE A 9 -2.65 5.68 8.28
CA ILE A 9 -3.72 5.82 9.23
C ILE A 9 -3.67 4.58 10.12
N ASN A 10 -3.17 4.73 11.31
CA ASN A 10 -3.11 3.63 12.25
C ASN A 10 -4.22 3.85 13.23
N LEU A 11 -5.29 3.06 13.05
CA LEU A 11 -6.42 3.09 13.93
C LEU A 11 -6.08 2.43 15.23
N VAL A 12 -6.22 3.07 16.35
CA VAL A 12 -5.86 2.54 17.65
C VAL A 12 -7.10 2.20 18.37
N TYR A 13 -7.29 0.90 18.67
CA TYR A 13 -8.48 0.40 19.39
C TYR A 13 -8.20 -0.98 19.96
N ASP A 14 -8.84 -1.27 21.08
CA ASP A 14 -8.74 -2.59 21.72
C ASP A 14 -9.82 -3.50 21.13
N THR A 15 -9.38 -4.45 20.32
CA THR A 15 -10.30 -5.38 19.66
C THR A 15 -11.12 -6.20 20.63
N THR A 16 -10.55 -6.49 21.80
CA THR A 16 -11.26 -7.33 22.74
C THR A 16 -12.47 -6.67 23.35
N LYS A 17 -12.68 -5.38 23.12
CA LYS A 17 -13.86 -4.71 23.59
C LYS A 17 -14.99 -4.55 22.57
N LEU A 18 -14.75 -4.99 21.35
CA LEU A 18 -15.72 -4.78 20.27
C LEU A 18 -16.55 -6.01 20.06
N THR A 19 -17.72 -5.80 19.48
CA THR A 19 -18.48 -6.94 19.03
C THR A 19 -17.89 -7.46 17.75
N HIS A 20 -18.27 -8.68 17.40
CA HIS A 20 -17.83 -9.29 16.19
C HIS A 20 -18.22 -8.45 15.00
N LEU A 21 -19.42 -7.89 14.98
CA LEU A 21 -19.83 -7.13 13.82
C LEU A 21 -19.03 -5.79 13.75
N GLU A 22 -18.73 -5.21 14.88
CA GLU A 22 -17.90 -3.97 14.85
C GLU A 22 -16.53 -4.29 14.30
N GLN A 23 -15.96 -5.43 14.63
CA GLN A 23 -14.69 -5.84 14.09
C GLN A 23 -14.77 -6.04 12.59
N THR A 24 -15.84 -6.70 12.14
CA THR A 24 -16.09 -6.91 10.71
C THR A 24 -16.05 -5.58 9.97
N ASN A 25 -16.74 -4.62 10.54
CA ASN A 25 -16.93 -3.35 9.88
C ASN A 25 -15.56 -2.56 9.79
N ILE A 26 -14.77 -2.56 10.83
CA ILE A 26 -13.45 -1.91 10.76
C ILE A 26 -12.63 -2.61 9.70
N ASN A 27 -12.77 -3.94 9.65
CA ASN A 27 -11.97 -4.71 8.75
C ASN A 27 -12.22 -4.39 7.30
N LEU A 28 -13.40 -3.90 6.95
CA LEU A 28 -13.73 -3.48 5.57
C LEU A 28 -12.78 -2.40 5.07
N PHE A 29 -12.14 -1.66 5.98
CA PHE A 29 -11.37 -0.48 5.57
C PHE A 29 -9.90 -0.75 5.66
N ILE A 30 -9.45 -1.84 6.25
CA ILE A 30 -8.03 -2.11 6.40
C ILE A 30 -7.48 -2.41 5.03
N GLY A 31 -6.35 -1.79 4.72
CA GLY A 31 -5.71 -2.02 3.45
C GLY A 31 -5.00 -0.80 2.90
N ASN A 32 -4.58 -0.96 1.66
CA ASN A 32 -3.87 0.07 0.93
C ASN A 32 -4.75 0.53 -0.19
N TRP A 33 -4.97 1.86 -0.26
CA TRP A 33 -5.96 2.46 -1.12
C TRP A 33 -5.38 3.65 -1.85
N SER A 34 -5.90 3.98 -3.00
CA SER A 34 -5.37 5.13 -3.70
C SER A 34 -6.41 5.91 -4.46
N ASN A 35 -6.10 7.19 -4.67
CA ASN A 35 -6.92 8.09 -5.47
C ASN A 35 -6.02 8.76 -6.52
N HIS A 36 -6.30 8.51 -7.78
CA HIS A 36 -5.46 9.00 -8.88
C HIS A 36 -5.38 10.52 -9.03
N GLN A 37 -6.50 11.20 -8.83
CA GLN A 37 -6.58 12.64 -8.96
C GLN A 37 -5.75 13.39 -7.93
N LEU A 38 -5.75 12.89 -6.70
CA LEU A 38 -4.96 13.50 -5.65
C LEU A 38 -3.54 12.98 -5.67
N GLN A 39 -3.31 11.88 -6.39
CA GLN A 39 -2.01 11.23 -6.38
C GLN A 39 -1.63 10.91 -4.94
N LYS A 40 -2.60 10.32 -4.25
CA LYS A 40 -2.50 10.07 -2.82
C LYS A 40 -2.94 8.64 -2.54
N SER A 41 -2.18 8.01 -1.68
CA SER A 41 -2.54 6.69 -1.17
C SER A 41 -2.67 6.79 0.32
N ILE A 42 -3.55 5.95 0.87
CA ILE A 42 -3.69 5.79 2.32
C ILE A 42 -3.52 4.31 2.67
N CYS A 43 -2.81 4.09 3.74
CA CYS A 43 -2.59 2.75 4.28
C CYS A 43 -3.27 2.74 5.64
N ILE A 44 -4.36 1.99 5.74
CA ILE A 44 -5.16 1.90 6.95
C ILE A 44 -4.90 0.58 7.63
N ARG A 45 -4.43 0.64 8.84
CA ARG A 45 -4.12 -0.55 9.63
C ARG A 45 -4.53 -0.37 11.04
N HIS A 46 -4.65 -1.47 11.77
CA HIS A 46 -4.82 -1.47 13.20
C HIS A 46 -3.47 -1.27 13.83
N GLY A 47 -3.29 -0.19 14.55
CA GLY A 47 -2.05 0.10 15.21
C GLY A 47 -2.22 -0.10 16.67
N ASP A 48 -1.33 0.49 17.44
CA ASP A 48 -1.43 0.42 18.90
C ASP A 48 -0.83 1.65 19.57
N ASP A 49 -0.71 1.62 20.91
CA ASP A 49 -0.22 2.77 21.67
C ASP A 49 1.17 3.19 21.29
N THR A 50 1.95 2.29 20.73
CA THR A 50 3.33 2.63 20.33
C THR A 50 3.36 3.39 19.02
N SER A 51 2.34 3.18 18.19
CA SER A 51 2.33 3.59 16.80
C SER A 51 2.48 5.09 16.63
N HIS A 52 2.98 5.46 15.45
CA HIS A 52 2.88 6.83 14.97
C HIS A 52 1.64 6.85 14.07
N ASN A 53 1.27 8.04 13.66
CA ASN A 53 0.14 8.26 12.74
C ASN A 53 -1.12 7.64 13.40
N GLN A 54 -1.39 7.99 14.63
CA GLN A 54 -2.48 7.40 15.39
C GLN A 54 -3.76 8.13 15.17
N TYR A 55 -4.84 7.35 15.02
CA TYR A 55 -6.21 7.83 14.88
C TYR A 55 -7.10 7.10 15.85
N HIS A 56 -8.09 7.77 16.38
CA HIS A 56 -9.07 7.30 17.33
C HIS A 56 -10.39 7.18 16.58
N ILE A 57 -11.03 6.04 16.75
CA ILE A 57 -12.35 5.78 16.16
C ILE A 57 -13.44 6.32 17.05
N LEU A 58 -14.26 7.18 16.45
CA LEU A 58 -15.37 7.85 17.10
C LEU A 58 -16.66 7.05 17.02
N PHE A 59 -16.88 6.35 15.91
CA PHE A 59 -18.14 5.64 15.69
C PHE A 59 -17.92 4.54 14.68
N ILE A 60 -18.49 3.36 14.95
CA ILE A 60 -18.50 2.25 14.02
C ILE A 60 -19.98 2.05 13.66
N ASP A 61 -20.35 2.42 12.44
CA ASP A 61 -21.72 2.39 11.99
C ASP A 61 -21.95 1.06 11.29
N THR A 62 -22.45 0.09 12.06
CA THR A 62 -22.72 -1.24 11.51
C THR A 62 -24.02 -1.29 10.67
N ALA A 63 -24.84 -0.28 10.78
CA ALA A 63 -26.07 -0.22 9.94
C ALA A 63 -25.75 0.12 8.48
N HIS A 64 -24.77 0.99 8.27
CA HIS A 64 -24.44 1.52 6.97
C HIS A 64 -22.97 1.31 6.53
N GLN A 65 -22.22 0.53 7.30
CA GLN A 65 -20.85 0.18 6.96
C GLN A 65 -19.96 1.39 6.79
N ARG A 66 -19.84 2.13 7.88
CA ARG A 66 -19.04 3.34 7.91
C ARG A 66 -18.26 3.35 9.17
N ILE A 67 -17.16 4.08 9.15
CA ILE A 67 -16.44 4.41 10.40
C ILE A 67 -16.09 5.88 10.38
N LYS A 68 -16.04 6.46 11.58
CA LYS A 68 -15.63 7.85 11.77
C LYS A 68 -14.46 7.87 12.70
N PHE A 69 -13.45 8.72 12.42
CA PHE A 69 -12.27 8.74 13.25
C PHE A 69 -11.59 10.11 13.09
N SER A 70 -10.74 10.37 14.04
CA SER A 70 -9.97 11.66 14.04
C SER A 70 -8.56 11.34 14.45
N SER A 71 -7.60 12.16 14.01
CA SER A 71 -6.22 11.96 14.42
C SER A 71 -6.06 12.28 15.90
N PHE A 72 -5.09 11.62 16.53
CA PHE A 72 -4.80 11.88 17.92
C PHE A 72 -4.44 13.35 18.09
N ASP A 73 -3.77 13.93 17.09
CA ASP A 73 -3.26 15.32 17.20
C ASP A 73 -4.29 16.42 16.84
N ASN A 74 -5.52 16.07 16.48
CA ASN A 74 -6.53 17.07 16.12
C ASN A 74 -7.94 16.49 16.20
N GLU A 75 -8.65 16.81 17.27
CA GLU A 75 -9.98 16.26 17.50
C GLU A 75 -11.07 16.98 16.71
N GLU A 76 -10.73 18.11 16.11
CA GLU A 76 -11.71 18.89 15.38
C GLU A 76 -12.10 18.32 14.02
N ILE A 77 -11.15 17.73 13.29
CA ILE A 77 -11.38 17.24 11.93
C ILE A 77 -11.75 15.77 12.07
N ILE A 78 -12.90 15.43 11.52
CA ILE A 78 -13.44 14.06 11.57
C ILE A 78 -13.41 13.52 10.17
N TYR A 79 -12.86 12.31 10.01
CA TYR A 79 -12.86 11.62 8.76
C TYR A 79 -13.94 10.58 8.83
N ILE A 80 -14.62 10.41 7.72
CA ILE A 80 -15.64 9.37 7.55
C ILE A 80 -15.24 8.50 6.39
N LEU A 81 -15.25 7.21 6.62
CA LEU A 81 -15.03 6.24 5.57
C LEU A 81 -16.31 5.49 5.35
N ASP A 82 -16.72 5.40 4.10
CA ASP A 82 -17.94 4.67 3.69
C ASP A 82 -17.52 3.48 2.87
N TYR A 83 -18.00 2.30 3.21
CA TYR A 83 -17.76 1.12 2.41
C TYR A 83 -18.60 1.14 1.13
N ASP A 84 -17.99 0.74 0.01
CA ASP A 84 -18.69 0.43 -1.27
C ASP A 84 -18.65 -1.07 -1.56
N ASP A 85 -17.46 -1.60 -1.83
CA ASP A 85 -17.22 -3.04 -2.00
C ASP A 85 -15.80 -3.37 -1.60
N THR A 86 -15.38 -4.62 -1.79
CA THR A 86 -14.09 -5.06 -1.36
C THR A 86 -12.98 -4.21 -1.96
N GLN A 87 -13.24 -3.53 -3.07
CA GLN A 87 -12.17 -2.76 -3.77
C GLN A 87 -12.34 -1.26 -3.76
N HIS A 88 -13.39 -0.76 -3.13
CA HIS A 88 -13.67 0.66 -3.11
C HIS A 88 -14.23 1.12 -1.77
N ILE A 89 -13.64 2.20 -1.23
CA ILE A 89 -14.18 2.91 -0.08
C ILE A 89 -14.18 4.37 -0.39
N LEU A 90 -14.97 5.15 0.32
CA LEU A 90 -15.08 6.57 0.07
C LEU A 90 -14.75 7.35 1.32
N MET A 91 -14.05 8.48 1.19
CA MET A 91 -13.69 9.30 2.30
C MET A 91 -14.43 10.63 2.21
N GLN A 92 -14.90 11.06 3.35
CA GLN A 92 -15.47 12.39 3.54
C GLN A 92 -14.82 12.98 4.77
N THR A 93 -14.82 14.31 4.83
CA THR A 93 -14.35 15.05 5.93
C THR A 93 -15.51 15.85 6.55
N SER A 94 -15.57 15.87 7.86
CA SER A 94 -16.55 16.67 8.59
C SER A 94 -15.80 17.29 9.75
N SER A 95 -16.54 17.70 10.76
CA SER A 95 -15.90 18.29 11.93
C SER A 95 -16.77 18.25 13.15
N LYS A 96 -16.12 18.50 14.29
CA LYS A 96 -16.76 18.43 15.55
C LYS A 96 -17.72 19.61 15.71
N GLN A 97 -17.26 20.80 15.29
CA GLN A 97 -18.04 22.03 15.55
C GLN A 97 -18.08 22.96 14.36
N GLY A 98 -17.70 22.51 13.18
CA GLY A 98 -17.86 23.32 11.98
C GLY A 98 -19.19 23.06 11.32
N ILE A 99 -19.31 23.61 10.12
CA ILE A 99 -20.49 23.46 9.30
C ILE A 99 -20.16 22.61 8.08
N GLY A 100 -20.99 21.61 7.82
CA GLY A 100 -20.90 20.86 6.60
C GLY A 100 -20.08 19.59 6.71
N THR A 101 -20.23 18.79 5.66
CA THR A 101 -19.48 17.53 5.48
C THR A 101 -19.19 17.47 3.99
N SER A 102 -17.99 17.03 3.61
CA SER A 102 -17.58 17.06 2.19
C SER A 102 -18.18 15.93 1.40
N ARG A 103 -18.08 16.05 0.08
CA ARG A 103 -18.61 15.03 -0.82
C ARG A 103 -17.63 13.87 -0.81
N PRO A 104 -18.14 12.64 -0.96
CA PRO A 104 -17.26 11.45 -0.93
C PRO A 104 -16.23 11.41 -2.09
N ILE A 105 -15.04 10.94 -1.77
CA ILE A 105 -13.95 10.75 -2.73
C ILE A 105 -13.63 9.27 -2.72
N VAL A 106 -13.50 8.67 -3.90
CA VAL A 106 -13.37 7.25 -4.00
C VAL A 106 -11.89 6.95 -3.89
N TYR A 107 -11.60 6.01 -3.01
CA TYR A 107 -10.30 5.38 -2.95
C TYR A 107 -10.48 3.93 -3.43
N GLU A 108 -9.57 3.47 -4.31
CA GLU A 108 -9.57 2.10 -4.84
C GLU A 108 -8.46 1.29 -4.20
N ARG A 109 -8.73 0.02 -3.88
CA ARG A 109 -7.74 -0.83 -3.26
C ARG A 109 -6.58 -1.11 -4.22
N LEU A 110 -5.38 -1.01 -3.74
CA LEU A 110 -4.22 -1.30 -4.58
C LEU A 110 -4.10 -2.82 -4.72
N VAL A 111 -4.57 -3.40 -5.89
CA VAL A 111 -4.49 -4.82 -6.14
C VAL A 111 -3.25 -5.43 -5.48
N GLY B 1 4.90 11.12 11.64
CA GLY B 1 3.66 11.66 11.03
C GLY B 1 3.81 11.99 9.55
N SER B 2 5.03 11.90 9.01
CA SER B 2 5.28 12.28 7.62
C SER B 2 4.66 11.29 6.64
N MET B 3 4.33 11.79 5.46
CA MET B 3 3.91 10.96 4.37
C MET B 3 5.16 10.39 3.71
N TYR B 4 5.04 9.18 3.21
CA TYR B 4 6.08 8.53 2.45
C TYR B 4 5.89 8.76 0.97
N GLN B 5 6.95 8.57 0.22
CA GLN B 5 6.89 8.57 -1.21
C GLN B 5 6.50 7.13 -1.59
N LEU B 6 5.56 6.96 -2.53
CA LEU B 6 5.07 5.65 -2.96
C LEU B 6 5.33 5.46 -4.44
N GLN B 7 6.14 4.46 -4.78
CA GLN B 7 6.46 4.07 -6.10
C GLN B 7 5.65 2.85 -6.48
N PHE B 8 5.07 2.88 -7.64
CA PHE B 8 4.36 1.75 -8.21
C PHE B 8 5.27 0.99 -9.13
N ILE B 9 5.26 -0.35 -9.02
CA ILE B 9 5.93 -1.23 -9.92
C ILE B 9 4.90 -2.21 -10.43
N ASN B 10 4.53 -2.11 -11.66
CA ASN B 10 3.56 -2.98 -12.28
C ASN B 10 4.29 -3.90 -13.25
N LEU B 11 4.53 -5.14 -12.81
CA LEU B 11 5.20 -6.17 -13.58
C LEU B 11 4.26 -6.68 -14.63
N VAL B 12 4.61 -6.64 -15.90
CA VAL B 12 3.76 -6.99 -17.00
C VAL B 12 4.23 -8.32 -17.56
N TYR B 13 3.42 -9.37 -17.42
CA TYR B 13 3.71 -10.69 -17.92
C TYR B 13 2.44 -11.50 -18.10
N ASP B 14 2.46 -12.35 -19.09
CA ASP B 14 1.37 -13.28 -19.40
C ASP B 14 1.60 -14.50 -18.56
N THR B 15 0.78 -14.59 -17.51
CA THR B 15 0.95 -15.64 -16.56
C THR B 15 0.54 -17.00 -17.16
N THR B 16 -0.22 -17.02 -18.25
CA THR B 16 -0.57 -18.27 -18.91
C THR B 16 0.64 -18.95 -19.56
N LYS B 17 1.73 -18.20 -19.77
CA LYS B 17 2.95 -18.73 -20.33
C LYS B 17 4.01 -19.14 -19.30
N LEU B 18 3.72 -18.97 -18.01
CA LEU B 18 4.70 -19.26 -16.97
C LEU B 18 4.41 -20.60 -16.34
N THR B 19 5.42 -21.23 -15.77
CA THR B 19 5.19 -22.40 -14.93
C THR B 19 4.65 -21.95 -13.59
N HIS B 20 4.00 -22.86 -12.88
CA HIS B 20 3.54 -22.62 -11.56
C HIS B 20 4.69 -22.19 -10.66
N LEU B 21 5.85 -22.82 -10.83
CA LEU B 21 6.98 -22.44 -10.00
C LEU B 21 7.42 -20.97 -10.23
N GLU B 22 7.44 -20.56 -11.50
CA GLU B 22 7.78 -19.17 -11.83
C GLU B 22 6.76 -18.19 -11.21
N GLN B 23 5.49 -18.52 -11.30
CA GLN B 23 4.45 -17.72 -10.70
C GLN B 23 4.66 -17.55 -9.21
N THR B 24 4.92 -18.70 -8.58
CA THR B 24 5.10 -18.74 -7.15
C THR B 24 6.22 -17.79 -6.69
N ASN B 25 7.30 -17.82 -7.47
CA ASN B 25 8.42 -16.93 -7.22
C ASN B 25 8.14 -15.41 -7.40
N ILE B 26 7.46 -15.09 -8.49
CA ILE B 26 7.03 -13.68 -8.64
C ILE B 26 6.13 -13.27 -7.49
N ASN B 27 5.23 -14.19 -7.09
CA ASN B 27 4.24 -13.88 -6.10
C ASN B 27 4.79 -13.50 -4.74
N LEU B 28 6.00 -13.95 -4.44
CA LEU B 28 6.67 -13.56 -3.22
C LEU B 28 6.87 -12.05 -3.04
N PHE B 29 6.84 -11.31 -4.15
CA PHE B 29 7.21 -9.88 -4.16
C PHE B 29 5.97 -9.02 -4.27
N ILE B 30 4.83 -9.59 -4.57
CA ILE B 30 3.61 -8.80 -4.80
C ILE B 30 3.13 -8.30 -3.50
N GLY B 31 2.88 -6.99 -3.38
CA GLY B 31 2.33 -6.46 -2.16
C GLY B 31 2.70 -5.00 -1.95
N ASN B 32 2.50 -4.52 -0.75
CA ASN B 32 2.73 -3.15 -0.36
C ASN B 32 3.80 -3.22 0.69
N TRP B 33 4.87 -2.48 0.46
CA TRP B 33 6.13 -2.64 1.18
C TRP B 33 6.68 -1.30 1.60
N SER B 34 7.36 -1.23 2.70
CA SER B 34 7.89 0.07 3.12
C SER B 34 9.24 -0.03 3.79
N ASN B 35 9.98 1.07 3.70
CA ASN B 35 11.25 1.24 4.39
C ASN B 35 11.21 2.52 5.19
N HIS B 36 11.32 2.41 6.50
CA HIS B 36 11.17 3.56 7.39
C HIS B 36 12.29 4.59 7.20
N GLN B 37 13.53 4.13 7.06
CA GLN B 37 14.68 5.04 6.93
C GLN B 37 14.57 5.94 5.69
N LEU B 38 14.18 5.36 4.56
CA LEU B 38 14.03 6.11 3.33
C LEU B 38 12.71 6.83 3.25
N GLN B 39 11.76 6.51 4.12
CA GLN B 39 10.39 7.04 4.03
C GLN B 39 9.83 6.81 2.65
N LYS B 40 9.93 5.56 2.20
CA LYS B 40 9.56 5.12 0.88
C LYS B 40 8.79 3.83 0.96
N SER B 41 7.74 3.77 0.18
CA SER B 41 6.95 2.56 0.01
C SER B 41 6.97 2.22 -1.45
N ILE B 42 6.87 0.93 -1.72
CA ILE B 42 6.69 0.40 -3.05
C ILE B 42 5.48 -0.49 -3.12
N CYS B 43 4.72 -0.41 -4.18
CA CYS B 43 3.52 -1.24 -4.40
C CYS B 43 3.85 -2.04 -5.63
N ILE B 44 4.13 -3.32 -5.47
CA ILE B 44 4.45 -4.21 -6.55
C ILE B 44 3.23 -5.06 -6.88
N ARG B 45 2.83 -5.02 -8.12
CA ARG B 45 1.66 -5.74 -8.59
C ARG B 45 1.89 -6.34 -9.93
N HIS B 46 1.07 -7.34 -10.30
CA HIS B 46 0.98 -7.84 -11.63
C HIS B 46 0.05 -6.92 -12.39
N GLY B 47 0.65 -6.15 -13.29
CA GLY B 47 -0.12 -5.17 -14.09
C GLY B 47 -0.44 -5.80 -15.41
N ASP B 48 -0.71 -4.99 -16.43
CA ASP B 48 -0.97 -5.47 -17.76
C ASP B 48 -0.77 -4.30 -18.73
N ASP B 49 -1.26 -4.45 -19.96
CA ASP B 49 -1.06 -3.42 -20.98
C ASP B 49 -1.74 -2.09 -20.66
N THR B 50 -2.70 -2.07 -19.76
CA THR B 50 -3.38 -0.85 -19.36
C THR B 50 -2.68 -0.07 -18.30
N SER B 51 -1.69 -0.69 -17.65
CA SER B 51 -1.07 -0.09 -16.51
C SER B 51 -0.11 1.03 -16.87
N HIS B 52 0.06 1.96 -15.94
CA HIS B 52 1.19 2.87 -15.95
C HIS B 52 2.34 2.19 -15.15
N ASN B 53 3.48 2.81 -15.08
CA ASN B 53 4.60 2.28 -14.28
C ASN B 53 4.93 0.84 -14.63
N GLN B 54 5.02 0.52 -15.88
CA GLN B 54 5.22 -0.83 -16.40
C GLN B 54 6.66 -1.25 -16.39
N TYR B 55 6.90 -2.50 -16.00
CA TYR B 55 8.18 -3.16 -15.93
C TYR B 55 8.17 -4.50 -16.62
N HIS B 56 9.27 -4.83 -17.28
CA HIS B 56 9.45 -6.08 -17.97
C HIS B 56 10.42 -6.94 -17.17
N ILE B 57 10.03 -8.20 -16.95
CA ILE B 57 10.88 -9.15 -16.22
C ILE B 57 11.93 -9.70 -17.17
N LEU B 58 13.18 -9.58 -16.73
CA LEU B 58 14.34 -10.11 -17.47
C LEU B 58 14.69 -11.55 -17.09
N PHE B 59 14.56 -11.90 -15.81
CA PHE B 59 14.90 -13.24 -15.33
C PHE B 59 14.09 -13.55 -14.07
N ILE B 60 13.63 -14.80 -13.99
CA ILE B 60 13.05 -15.38 -12.79
C ILE B 60 13.97 -16.54 -12.35
N ASP B 61 14.66 -16.33 -11.26
CA ASP B 61 15.54 -17.31 -10.67
C ASP B 61 14.78 -18.10 -9.57
N THR B 62 14.29 -19.25 -9.97
CA THR B 62 13.49 -20.10 -9.08
C THR B 62 14.34 -20.94 -8.15
N ALA B 63 15.64 -21.00 -8.39
CA ALA B 63 16.55 -21.64 -7.43
C ALA B 63 16.83 -20.74 -6.19
N HIS B 64 16.94 -19.42 -6.39
CA HIS B 64 17.30 -18.52 -5.32
C HIS B 64 16.31 -17.38 -5.03
N GLN B 65 15.12 -17.49 -5.62
CA GLN B 65 14.01 -16.55 -5.35
C GLN B 65 14.45 -15.12 -5.61
N ARG B 66 14.85 -14.90 -6.86
CA ARG B 66 15.24 -13.57 -7.31
C ARG B 66 14.57 -13.27 -8.62
N ILE B 67 14.14 -12.01 -8.76
CA ILE B 67 13.62 -11.59 -10.06
C ILE B 67 14.37 -10.32 -10.43
N LYS B 68 14.66 -10.22 -11.72
CA LYS B 68 15.31 -9.07 -12.31
C LYS B 68 14.38 -8.48 -13.32
N PHE B 69 14.29 -7.16 -13.32
CA PHE B 69 13.39 -6.47 -14.22
C PHE B 69 13.87 -5.04 -14.44
N SER B 70 13.31 -4.47 -15.48
CA SER B 70 13.59 -3.02 -15.76
C SER B 70 12.35 -2.37 -16.28
N SER B 71 12.32 -1.05 -16.23
CA SER B 71 11.17 -0.33 -16.77
C SER B 71 11.15 -0.54 -18.28
N PHE B 72 9.97 -0.43 -18.84
CA PHE B 72 9.76 -0.70 -20.24
C PHE B 72 10.79 0.05 -21.10
N ASP B 73 11.00 1.35 -20.84
CA ASP B 73 11.87 2.17 -21.71
C ASP B 73 13.16 2.71 -21.11
N ASN B 74 13.55 2.24 -19.94
CA ASN B 74 14.86 2.58 -19.42
C ASN B 74 15.57 1.31 -19.01
N GLU B 75 16.06 0.63 -20.03
CA GLU B 75 16.77 -0.61 -19.88
C GLU B 75 18.00 -0.50 -19.02
N GLU B 76 18.52 0.67 -18.89
CA GLU B 76 19.73 0.92 -18.14
C GLU B 76 19.68 0.57 -16.66
N ILE B 77 18.55 0.91 -16.00
CA ILE B 77 18.40 0.64 -14.59
C ILE B 77 17.76 -0.71 -14.35
N ILE B 78 18.51 -1.58 -13.70
CA ILE B 78 18.05 -2.91 -13.40
C ILE B 78 17.71 -3.03 -11.94
N TYR B 79 16.53 -3.58 -11.69
CA TYR B 79 16.04 -3.89 -10.39
C TYR B 79 16.15 -5.39 -10.14
N ILE B 80 16.58 -5.71 -8.94
CA ILE B 80 16.67 -7.11 -8.53
C ILE B 80 15.99 -7.22 -7.16
N LEU B 81 15.02 -8.13 -7.13
CA LEU B 81 14.33 -8.43 -5.89
C LEU B 81 14.85 -9.78 -5.40
N ASP B 82 15.06 -9.85 -4.10
CA ASP B 82 15.42 -11.05 -3.39
C ASP B 82 14.47 -11.24 -2.22
N TYR B 83 14.17 -12.53 -1.99
CA TYR B 83 13.27 -12.89 -0.91
C TYR B 83 13.95 -13.10 0.44
N ASP B 84 13.37 -12.55 1.47
CA ASP B 84 13.85 -12.78 2.85
C ASP B 84 12.86 -13.63 3.64
N ASP B 85 11.65 -13.15 3.81
CA ASP B 85 10.59 -13.97 4.38
C ASP B 85 9.26 -13.44 3.99
N THR B 86 8.18 -13.98 4.52
CA THR B 86 6.86 -13.57 4.09
C THR B 86 6.64 -12.08 4.27
N GLN B 87 7.33 -11.44 5.21
CA GLN B 87 7.13 -10.04 5.52
C GLN B 87 8.25 -9.13 5.08
N HIS B 88 9.28 -9.65 4.41
CA HIS B 88 10.45 -8.84 4.06
C HIS B 88 11.01 -9.27 2.73
N ILE B 89 11.29 -8.29 1.86
CA ILE B 89 11.96 -8.50 0.61
C ILE B 89 13.09 -7.46 0.49
N LEU B 90 14.01 -7.74 -0.40
CA LEU B 90 15.13 -6.90 -0.69
C LEU B 90 14.97 -6.37 -2.09
N MET B 91 15.23 -5.07 -2.27
CA MET B 91 15.23 -4.51 -3.62
C MET B 91 16.51 -3.73 -3.87
N GLN B 92 17.18 -4.09 -4.93
CA GLN B 92 18.41 -3.44 -5.35
C GLN B 92 18.09 -2.76 -6.68
N THR B 93 18.62 -1.56 -6.81
CA THR B 93 18.49 -0.71 -8.00
C THR B 93 19.89 -0.40 -8.46
N SER B 94 20.24 -0.74 -9.69
CA SER B 94 21.59 -0.52 -10.20
C SER B 94 21.55 0.09 -11.60
N SER B 95 22.50 0.95 -11.94
CA SER B 95 22.72 1.34 -13.31
C SER B 95 23.77 0.43 -13.95
N LYS B 96 23.51 0.03 -15.20
CA LYS B 96 24.39 -0.83 -15.99
C LYS B 96 25.74 -0.20 -16.20
N GLN B 97 25.79 1.13 -16.13
CA GLN B 97 26.99 1.94 -16.40
C GLN B 97 27.64 2.48 -15.13
N GLY B 98 27.09 2.19 -13.97
CA GLY B 98 27.62 2.75 -12.76
C GLY B 98 28.81 1.95 -12.29
N ILE B 99 29.49 2.50 -11.29
CA ILE B 99 30.56 1.84 -10.55
C ILE B 99 30.09 1.58 -9.16
N GLY B 100 30.36 0.42 -8.64
CA GLY B 100 30.08 0.15 -7.25
C GLY B 100 29.01 -0.86 -7.02
N THR B 101 28.72 -1.09 -5.75
CA THR B 101 27.64 -2.03 -5.44
C THR B 101 26.56 -1.25 -4.71
N SER B 102 25.35 -1.19 -5.26
CA SER B 102 24.24 -0.57 -4.54
C SER B 102 23.72 -1.64 -3.58
N ARG B 103 23.70 -1.35 -2.29
CA ARG B 103 23.21 -2.34 -1.33
C ARG B 103 21.73 -2.53 -1.62
N PRO B 104 21.26 -3.77 -1.61
CA PRO B 104 19.82 -3.97 -1.57
C PRO B 104 19.23 -3.36 -0.30
N ILE B 105 18.03 -2.83 -0.42
CA ILE B 105 17.29 -2.20 0.63
C ILE B 105 16.22 -3.20 1.10
N VAL B 106 16.11 -3.36 2.40
CA VAL B 106 15.08 -4.23 2.97
C VAL B 106 13.77 -3.48 3.10
N TYR B 107 12.72 -4.05 2.57
CA TYR B 107 11.39 -3.51 2.67
C TYR B 107 10.55 -4.48 3.49
N GLU B 108 9.71 -3.93 4.37
CA GLU B 108 8.83 -4.75 5.22
C GLU B 108 7.42 -4.58 4.70
N ARG B 109 6.65 -5.66 4.74
CA ARG B 109 5.29 -5.64 4.28
C ARG B 109 4.40 -4.77 5.16
N LEU B 110 3.58 -3.97 4.54
CA LEU B 110 2.65 -3.09 5.30
C LEU B 110 1.42 -3.91 5.78
N VAL B 111 1.24 -4.02 7.00
CA VAL B 111 0.10 -4.74 7.57
C VAL B 111 -1.21 -4.26 6.97
CL CL C . 3.30 10.74 14.85
CL CL D . 4.03 5.49 -16.79
S SO4 E . -14.69 -10.46 8.90
O1 SO4 E . -14.09 -9.14 8.70
O2 SO4 E . -13.81 -11.32 9.69
O3 SO4 E . -16.11 -10.47 9.35
O4 SO4 E . -14.81 -11.15 7.61
#